data_3TK6
#
_entry.id   3TK6
#
_cell.length_a   56.466
_cell.length_b   72.412
_cell.length_c   79.074
_cell.angle_alpha   90.00
_cell.angle_beta   90.00
_cell.angle_gamma   90.00
#
_symmetry.space_group_name_H-M   'P 21 21 21'
#
loop_
_entity.id
_entity.type
_entity.pdbx_description
1 polymer 'Factor X heavy chain'
2 polymer 'Factor X light chain'
3 non-polymer 'CALCIUM ION'
4 non-polymer N-[2-({[(5-chlorothiophen-2-yl)carbonyl]amino}methyl)phenyl]-5-methyl-4,5,6,7-tetrahydro[1,3]thiazolo[5,4-c]pyridine-2-carboxamide
5 water water
#
loop_
_entity_poly.entity_id
_entity_poly.type
_entity_poly.pdbx_seq_one_letter_code
_entity_poly.pdbx_strand_id
1 'polypeptide(L)'
;IVGGQECKDGECPWQALLINEENEGFCGGTILSEFYILTAAHCLYQAKRFKVRVGDRNTEQEEGGEAVHEVEVVIKHNRF
TKETYDFDIAVLRLKTPITFRMNVAPACLPERDWAESTLMTQKTGIVSGFGRTHEKGRQSTRLKMLEVPYVDRNSCKLSS
SFIITQNMFCAGYDTKQEDACQGDSGGPHVTRFKDTYFVTGIVSWGEGCARKGKYGIYTKVTAFLKWIDRSMK
;
A
2 'polypeptide(L)' TRKLCSLDNGDCDQFCHEEQNSVVCSCARGYTLADNGKACIPTGPYPCGKQTLE B
#
# COMPACT_ATOMS: atom_id res chain seq x y z
N ILE A 1 3.58 -5.79 -12.33
CA ILE A 1 3.58 -4.38 -12.83
C ILE A 1 3.93 -4.28 -14.31
N VAL A 2 3.03 -3.65 -15.05
CA VAL A 2 3.21 -3.40 -16.47
C VAL A 2 3.79 -2.03 -16.58
N GLY A 3 4.94 -1.92 -17.24
CA GLY A 3 5.62 -0.63 -17.31
C GLY A 3 6.36 -0.35 -16.00
N GLY A 4 6.56 0.93 -15.70
CA GLY A 4 7.21 1.34 -14.45
C GLY A 4 8.68 1.02 -14.43
N GLN A 5 9.23 0.96 -13.21
CA GLN A 5 10.66 0.86 -13.03
C GLN A 5 10.92 -0.21 -11.93
N GLU A 6 12.12 -0.80 -11.92
CA GLU A 6 12.57 -1.60 -10.79
C GLU A 6 12.59 -0.78 -9.50
N CYS A 7 12.20 -1.39 -8.37
CA CYS A 7 12.54 -0.83 -7.09
C CYS A 7 14.05 -0.95 -6.92
N LYS A 8 14.71 0.19 -6.74
CA LYS A 8 16.14 0.16 -6.47
C LYS A 8 16.36 -0.04 -4.99
N ASP A 9 17.62 -0.19 -4.58
CA ASP A 9 17.96 -0.57 -3.24
C ASP A 9 17.39 0.45 -2.27
N GLY A 10 16.61 -0.07 -1.33
CA GLY A 10 15.94 0.75 -0.30
C GLY A 10 14.64 1.45 -0.70
N GLU A 11 14.21 1.35 -1.95
CA GLU A 11 13.09 2.15 -2.44
C GLU A 11 11.67 1.70 -2.08
N CYS A 12 11.49 0.39 -1.91
CA CYS A 12 10.15 -0.18 -1.72
C CYS A 12 10.20 -1.08 -0.49
N PRO A 13 10.69 -0.54 0.62
CA PRO A 13 11.02 -1.39 1.76
C PRO A 13 9.81 -2.01 2.48
N TRP A 14 8.62 -1.48 2.23
CA TRP A 14 7.38 -2.00 2.87
C TRP A 14 6.73 -3.10 2.06
N GLN A 15 7.34 -3.47 0.95
CA GLN A 15 6.79 -4.56 0.15
C GLN A 15 7.00 -5.91 0.84
N ALA A 16 5.93 -6.72 0.85
CA ALA A 16 5.94 -8.10 1.30
C ALA A 16 5.44 -8.96 0.14
N LEU A 17 5.84 -10.23 0.19
CA LEU A 17 5.49 -11.19 -0.87
C LEU A 17 4.94 -12.43 -0.22
N LEU A 18 3.72 -12.82 -0.59
CA LEU A 18 3.13 -14.05 -0.04
C LEU A 18 3.62 -15.14 -0.95
N ILE A 19 4.13 -16.21 -0.36
CA ILE A 19 4.75 -17.28 -1.15
C ILE A 19 4.08 -18.60 -0.76
N ASN A 20 3.79 -19.43 -1.76
CA ASN A 20 3.09 -20.66 -1.48
C ASN A 20 4.05 -21.79 -1.08
N GLU A 21 3.53 -23.03 -1.12
CA GLU A 21 4.33 -24.20 -0.72
C GLU A 21 5.54 -24.43 -1.63
N GLU A 22 5.41 -23.99 -2.88
CA GLU A 22 6.51 -24.09 -3.84
C GLU A 22 7.53 -22.95 -3.72
N ASN A 23 7.41 -22.13 -2.69
CA ASN A 23 8.26 -20.95 -2.55
C ASN A 23 8.10 -19.92 -3.69
N GLU A 24 6.96 -19.94 -4.39
CA GLU A 24 6.68 -18.96 -5.43
C GLU A 24 5.70 -17.87 -4.98
N GLY A 25 6.00 -16.63 -5.36
CA GLY A 25 5.11 -15.50 -5.03
C GLY A 25 3.77 -15.60 -5.74
N PHE A 26 2.67 -15.33 -5.04
CA PHE A 26 1.36 -15.28 -5.69
C PHE A 26 0.56 -14.01 -5.38
N CYS A 27 1.04 -13.22 -4.41
CA CYS A 27 0.39 -11.97 -4.02
C CYS A 27 1.39 -11.11 -3.24
N GLY A 28 1.07 -9.83 -3.10
CA GLY A 28 1.89 -8.95 -2.29
C GLY A 28 1.21 -8.63 -0.97
N GLY A 29 1.90 -7.82 -0.17
CA GLY A 29 1.37 -7.30 1.08
C GLY A 29 2.13 -6.04 1.35
N THR A 30 1.69 -5.30 2.37
CA THR A 30 2.41 -4.12 2.82
C THR A 30 2.79 -4.34 4.27
N ILE A 31 4.05 -4.09 4.60
CA ILE A 31 4.45 -4.19 6.00
C ILE A 31 3.88 -3.00 6.80
N LEU A 32 3.10 -3.31 7.84
CA LEU A 32 2.55 -2.24 8.69
C LEU A 32 3.31 -2.04 10.02
N SER A 33 3.99 -3.07 10.48
CA SER A 33 4.71 -3.00 11.77
C SER A 33 5.46 -4.33 11.87
N GLU A 34 6.22 -4.52 12.97
CA GLU A 34 7.04 -5.71 13.01
C GLU A 34 6.24 -7.03 13.00
N PHE A 35 4.97 -7.01 13.44
CA PHE A 35 4.14 -8.23 13.41
C PHE A 35 3.05 -8.30 12.37
N TYR A 36 2.77 -7.21 11.66
CA TYR A 36 1.56 -7.18 10.83
C TYR A 36 1.80 -6.82 9.35
N ILE A 37 1.12 -7.60 8.51
CA ILE A 37 1.09 -7.41 7.06
C ILE A 37 -0.32 -7.07 6.60
N LEU A 38 -0.46 -6.06 5.72
CA LEU A 38 -1.77 -5.79 5.09
C LEU A 38 -1.81 -6.44 3.73
N THR A 39 -2.89 -7.17 3.40
CA THR A 39 -3.04 -7.77 2.08
C THR A 39 -4.52 -7.80 1.65
N ALA A 40 -4.81 -8.43 0.51
CA ALA A 40 -6.17 -8.51 0.00
C ALA A 40 -6.76 -9.80 0.51
N ALA A 41 -8.02 -9.73 0.93
CA ALA A 41 -8.79 -10.92 1.33
C ALA A 41 -8.80 -11.98 0.23
N HIS A 42 -8.90 -11.55 -1.03
CA HIS A 42 -8.99 -12.50 -2.16
C HIS A 42 -7.75 -13.36 -2.34
N CYS A 43 -6.59 -12.82 -1.95
CA CYS A 43 -5.35 -13.57 -2.01
C CYS A 43 -5.35 -14.82 -1.14
N LEU A 44 -6.19 -14.83 -0.12
CA LEU A 44 -6.18 -15.95 0.82
C LEU A 44 -6.74 -17.23 0.18
N TYR A 45 -7.36 -17.09 -1.01
CA TYR A 45 -7.92 -18.23 -1.75
C TYR A 45 -6.95 -18.78 -2.81
N GLN A 46 -5.81 -18.14 -2.98
CA GLN A 46 -4.87 -18.52 -4.02
C GLN A 46 -3.80 -19.53 -3.57
N ALA A 47 -3.83 -19.87 -2.29
CA ALA A 47 -2.91 -20.84 -1.71
C ALA A 47 -3.51 -21.36 -0.43
N LYS A 48 -3.34 -22.67 -0.17
CA LYS A 48 -3.89 -23.28 1.03
C LYS A 48 -3.06 -22.92 2.25
N ARG A 49 -1.75 -22.87 2.07
CA ARG A 49 -0.84 -22.59 3.15
C ARG A 49 0.17 -21.64 2.55
N PHE A 50 0.58 -20.60 3.28
CA PHE A 50 1.55 -19.67 2.72
C PHE A 50 2.38 -19.00 3.81
N LYS A 51 3.50 -18.40 3.38
CA LYS A 51 4.38 -17.66 4.25
C LYS A 51 4.59 -16.26 3.66
N VAL A 52 5.28 -15.41 4.41
CA VAL A 52 5.51 -14.05 3.94
C VAL A 52 7.00 -13.82 3.85
N ARG A 53 7.46 -13.38 2.68
CA ARG A 53 8.86 -13.02 2.52
C ARG A 53 8.97 -11.51 2.47
N VAL A 54 9.95 -10.97 3.18
CA VAL A 54 10.26 -9.55 3.16
C VAL A 54 11.71 -9.37 2.73
N GLY A 55 12.01 -8.18 2.21
CA GLY A 55 13.40 -7.79 1.92
C GLY A 55 13.86 -8.25 0.55
N ASP A 56 12.96 -8.91 -0.20
CA ASP A 56 13.35 -9.47 -1.51
C ASP A 56 13.16 -8.45 -2.64
N ARG A 57 14.09 -8.42 -3.60
CA ARG A 57 13.96 -7.59 -4.79
C ARG A 57 14.18 -8.38 -6.05
N ASN A 58 14.81 -9.55 -5.91
CA ASN A 58 15.14 -10.37 -7.08
C ASN A 58 14.98 -11.81 -6.61
N THR A 59 13.95 -12.48 -7.12
CA THR A 59 13.63 -13.83 -6.68
C THR A 59 14.60 -14.86 -7.26
N GLU A 60 15.48 -14.43 -8.18
CA GLU A 60 16.48 -15.33 -8.74
C GLU A 60 17.73 -15.44 -7.86
N GLN A 61 17.92 -14.50 -6.95
CA GLN A 61 19.22 -14.31 -6.28
C GLN A 61 19.06 -14.09 -4.77
N GLU A 62 20.05 -14.49 -3.96
CA GLU A 62 19.97 -14.26 -2.51
C GLU A 62 20.86 -13.10 -2.07
N GLU A 63 20.25 -11.94 -1.87
CA GLU A 63 20.99 -10.74 -1.49
C GLU A 63 21.26 -10.67 0.03
N GLY A 64 21.06 -11.80 0.72
CA GLY A 64 21.31 -11.88 2.15
C GLY A 64 20.35 -11.10 3.04
N GLY A 65 19.51 -10.27 2.43
CA GLY A 65 18.59 -9.41 3.20
C GLY A 65 17.17 -9.96 3.36
N GLU A 66 16.85 -11.00 2.59
CA GLU A 66 15.53 -11.62 2.58
C GLU A 66 15.27 -12.36 3.87
N ALA A 67 14.01 -12.38 4.32
CA ALA A 67 13.62 -13.21 5.46
C ALA A 67 12.19 -13.70 5.27
N VAL A 68 11.94 -14.95 5.64
CA VAL A 68 10.60 -15.55 5.58
C VAL A 68 9.97 -15.55 6.97
N HIS A 69 8.69 -15.23 7.03
CA HIS A 69 7.96 -15.31 8.27
C HIS A 69 6.75 -16.17 8.11
N GLU A 70 6.48 -16.99 9.11
CA GLU A 70 5.26 -17.73 9.12
C GLU A 70 4.12 -16.87 9.65
N VAL A 71 2.91 -17.19 9.21
CA VAL A 71 1.71 -16.48 9.60
C VAL A 71 1.09 -17.17 10.82
N GLU A 72 0.81 -16.41 11.86
CA GLU A 72 0.22 -16.93 13.08
C GLU A 72 -1.29 -16.83 13.01
N VAL A 73 -1.80 -15.64 12.64
CA VAL A 73 -3.23 -15.37 12.67
C VAL A 73 -3.57 -14.74 11.32
N VAL A 74 -4.62 -15.23 10.66
CA VAL A 74 -5.19 -14.55 9.48
C VAL A 74 -6.48 -13.84 9.89
N ILE A 75 -6.55 -12.53 9.69
CA ILE A 75 -7.73 -11.77 10.01
C ILE A 75 -8.29 -11.29 8.67
N LYS A 76 -9.35 -11.96 8.20
CA LYS A 76 -10.00 -11.62 6.94
C LYS A 76 -11.30 -10.85 7.17
N HIS A 77 -11.52 -9.76 6.42
CA HIS A 77 -12.73 -8.98 6.62
C HIS A 77 -13.93 -9.87 6.38
N ASN A 78 -14.85 -9.86 7.33
CA ASN A 78 -16.01 -10.78 7.29
C ASN A 78 -17.02 -10.43 6.20
N ARG A 79 -16.90 -9.24 5.63
CA ARG A 79 -17.80 -8.83 4.56
C ARG A 79 -17.22 -9.00 3.17
N PHE A 80 -16.00 -9.54 3.05
CA PHE A 80 -15.43 -9.80 1.73
C PHE A 80 -16.37 -10.69 0.93
N THR A 81 -16.63 -10.29 -0.32
CA THR A 81 -17.42 -11.10 -1.24
C THR A 81 -16.77 -11.29 -2.59
N LYS A 82 -16.63 -12.56 -3.00
CA LYS A 82 -15.96 -12.92 -4.23
C LYS A 82 -16.61 -12.31 -5.46
N GLU A 83 -17.93 -12.08 -5.39
CA GLU A 83 -18.69 -11.67 -6.58
C GLU A 83 -18.33 -10.27 -7.10
N THR A 84 -18.08 -9.35 -6.17
CA THR A 84 -17.76 -7.96 -6.47
C THR A 84 -16.34 -7.55 -6.00
N TYR A 85 -15.72 -8.38 -5.16
CA TYR A 85 -14.45 -8.06 -4.46
C TYR A 85 -14.61 -6.91 -3.47
N ASP A 86 -15.82 -6.66 -3.00
CA ASP A 86 -16.01 -5.61 -2.00
C ASP A 86 -15.35 -6.08 -0.71
N PHE A 87 -14.88 -5.13 0.11
CA PHE A 87 -14.20 -5.48 1.37
C PHE A 87 -12.97 -6.38 1.11
N ASP A 88 -12.18 -6.05 0.11
CA ASP A 88 -11.03 -6.89 -0.26
C ASP A 88 -9.83 -6.51 0.65
N ILE A 89 -9.83 -7.03 1.88
CA ILE A 89 -8.82 -6.66 2.88
C ILE A 89 -8.61 -7.76 3.91
N ALA A 90 -7.35 -8.02 4.24
CA ALA A 90 -7.04 -8.94 5.32
C ALA A 90 -5.78 -8.42 6.00
N VAL A 91 -5.61 -8.76 7.27
CA VAL A 91 -4.38 -8.43 8.01
C VAL A 91 -3.79 -9.74 8.50
N LEU A 92 -2.47 -9.88 8.42
CA LEU A 92 -1.77 -11.10 8.86
C LEU A 92 -0.94 -10.75 10.05
N ARG A 93 -1.08 -11.52 11.14
CA ARG A 93 -0.14 -11.41 12.26
C ARG A 93 0.92 -12.49 12.10
N LEU A 94 2.18 -12.09 12.17
CA LEU A 94 3.28 -13.00 11.97
C LEU A 94 3.66 -13.72 13.31
N LYS A 95 4.18 -14.93 13.20
CA LYS A 95 4.66 -15.68 14.37
C LYS A 95 5.87 -15.00 15.01
N THR A 96 6.76 -14.46 14.19
CA THR A 96 7.97 -13.79 14.66
C THR A 96 8.05 -12.36 14.10
N PRO A 97 8.67 -11.42 14.83
CA PRO A 97 8.69 -10.03 14.37
C PRO A 97 9.67 -9.82 13.23
N ILE A 98 9.30 -8.95 12.29
CA ILE A 98 10.18 -8.61 11.19
C ILE A 98 11.36 -7.78 11.69
N THR A 99 12.54 -8.08 11.18
CA THR A 99 13.70 -7.24 11.46
C THR A 99 13.86 -6.14 10.43
N PHE A 100 13.65 -4.89 10.85
CA PHE A 100 13.76 -3.80 9.92
C PHE A 100 15.22 -3.56 9.63
N ARG A 101 15.50 -3.27 8.37
CA ARG A 101 16.85 -3.15 7.86
C ARG A 101 16.75 -2.59 6.46
N MET A 102 17.85 -2.65 5.72
CA MET A 102 17.83 -2.22 4.35
C MET A 102 16.77 -3.03 3.65
N ASN A 103 15.94 -2.34 2.88
CA ASN A 103 14.81 -2.96 2.17
C ASN A 103 13.70 -3.56 3.01
N VAL A 104 13.70 -3.31 4.32
CA VAL A 104 12.60 -3.83 5.16
C VAL A 104 12.21 -2.75 6.15
N ALA A 105 11.05 -2.14 5.94
CA ALA A 105 10.57 -1.02 6.78
C ALA A 105 9.05 -0.92 6.57
N PRO A 106 8.30 -0.48 7.61
CA PRO A 106 6.84 -0.36 7.47
C PRO A 106 6.43 0.94 6.77
N ALA A 107 5.28 0.91 6.10
CA ALA A 107 4.68 2.14 5.54
C ALA A 107 3.81 2.68 6.66
N CYS A 108 3.56 3.99 6.67
CA CYS A 108 2.80 4.61 7.71
C CYS A 108 1.31 4.47 7.45
N LEU A 109 0.54 4.26 8.51
CA LEU A 109 -0.90 4.33 8.38
C LEU A 109 -1.29 5.78 8.61
N PRO A 110 -2.07 6.35 7.71
CA PRO A 110 -2.45 7.78 7.93
C PRO A 110 -3.71 7.85 8.79
N GLU A 111 -4.07 9.06 9.22
CA GLU A 111 -5.42 9.30 9.78
C GLU A 111 -6.43 9.40 8.69
N ARG A 112 -7.65 8.92 8.92
CA ARG A 112 -8.65 8.90 7.85
C ARG A 112 -8.94 10.25 7.18
N ASP A 113 -9.37 11.27 7.95
CA ASP A 113 -9.81 12.48 7.27
C ASP A 113 -8.70 13.18 6.49
N TRP A 114 -7.52 13.28 7.12
CA TRP A 114 -6.35 13.88 6.46
C TRP A 114 -5.97 13.08 5.22
N ALA A 115 -6.00 11.75 5.32
CA ALA A 115 -5.69 10.92 4.14
C ALA A 115 -6.65 11.24 2.97
N GLU A 116 -7.95 11.29 3.27
CA GLU A 116 -8.93 11.55 2.20
C GLU A 116 -8.81 12.93 1.61
N SER A 117 -8.53 13.93 2.46
CA SER A 117 -8.51 15.31 1.97
C SER A 117 -7.19 15.65 1.36
N THR A 118 -6.12 15.04 1.87
CA THR A 118 -4.76 15.48 1.52
C THR A 118 -3.96 14.42 0.74
N LEU A 119 -3.97 13.17 1.16
CA LEU A 119 -3.27 12.15 0.36
C LEU A 119 -3.98 11.77 -0.94
N MET A 120 -5.26 11.46 -0.84
CA MET A 120 -5.92 10.96 -2.02
C MET A 120 -6.29 12.02 -3.04
N THR A 121 -6.04 13.28 -2.69
CA THR A 121 -6.22 14.41 -3.60
C THR A 121 -4.91 14.76 -4.31
N GLN A 122 -3.81 14.10 -3.95
CA GLN A 122 -2.57 14.27 -4.71
C GLN A 122 -2.76 13.73 -6.14
N LYS A 123 -1.79 14.04 -6.99
CA LYS A 123 -1.86 13.71 -8.38
C LYS A 123 -1.70 12.20 -8.49
N THR A 124 -0.77 11.63 -7.72
CA THR A 124 -0.39 10.23 -7.91
C THR A 124 -0.11 9.46 -6.62
N GLY A 125 -0.11 8.14 -6.74
CA GLY A 125 0.41 7.25 -5.69
C GLY A 125 1.39 6.30 -6.40
N ILE A 126 1.89 5.31 -5.68
CA ILE A 126 2.86 4.41 -6.21
C ILE A 126 2.43 3.01 -5.87
N VAL A 127 2.32 2.14 -6.86
CA VAL A 127 1.94 0.73 -6.62
C VAL A 127 3.21 -0.06 -6.88
N SER A 128 3.41 -1.15 -6.16
CA SER A 128 4.56 -1.96 -6.45
C SER A 128 4.26 -3.44 -6.33
N GLY A 129 5.13 -4.28 -6.90
CA GLY A 129 5.02 -5.74 -6.68
C GLY A 129 5.79 -6.62 -7.68
N PHE A 130 5.59 -7.92 -7.55
CA PHE A 130 6.29 -8.94 -8.37
C PHE A 130 5.31 -9.54 -9.35
N GLY A 131 4.22 -8.81 -9.66
CA GLY A 131 3.17 -9.32 -10.54
C GLY A 131 3.59 -9.37 -12.02
N ARG A 132 2.71 -9.88 -12.85
CA ARG A 132 2.94 -9.95 -14.31
C ARG A 132 3.37 -8.62 -14.90
N THR A 133 4.26 -8.66 -15.89
CA THR A 133 4.72 -7.45 -16.58
C THR A 133 3.95 -7.19 -17.90
N HIS A 134 3.03 -8.08 -18.22
CA HIS A 134 2.00 -7.79 -19.20
C HIS A 134 0.85 -8.71 -18.92
N GLU A 135 -0.32 -8.41 -19.46
CA GLU A 135 -1.53 -9.13 -19.11
C GLU A 135 -1.42 -10.65 -19.23
N LYS A 136 -0.80 -11.14 -20.31
CA LYS A 136 -0.73 -12.58 -20.52
C LYS A 136 0.56 -13.24 -20.01
N GLY A 137 1.36 -12.48 -19.26
CA GLY A 137 2.70 -12.92 -18.92
C GLY A 137 2.90 -13.72 -17.65
N ARG A 138 4.17 -14.03 -17.36
CA ARG A 138 4.57 -14.67 -16.12
C ARG A 138 4.86 -13.60 -15.04
N GLN A 139 4.91 -14.01 -13.78
CA GLN A 139 5.28 -13.15 -12.66
C GLN A 139 6.69 -12.62 -12.85
N SER A 140 6.90 -11.36 -12.50
CA SER A 140 8.21 -10.74 -12.52
C SER A 140 9.13 -11.43 -11.51
N THR A 141 10.41 -11.59 -11.86
CA THR A 141 11.37 -12.01 -10.86
C THR A 141 11.98 -10.77 -10.18
N ARG A 142 11.68 -9.56 -10.68
CA ARG A 142 12.19 -8.33 -10.07
C ARG A 142 11.08 -7.50 -9.45
N LEU A 143 11.31 -7.00 -8.24
CA LEU A 143 10.34 -6.04 -7.66
C LEU A 143 10.27 -4.78 -8.47
N LYS A 144 9.06 -4.39 -8.88
CA LYS A 144 8.84 -3.17 -9.67
C LYS A 144 7.91 -2.21 -8.95
N MET A 145 7.94 -0.94 -9.36
CA MET A 145 7.01 0.07 -8.84
C MET A 145 6.57 0.94 -10.02
N LEU A 146 5.44 1.65 -9.86
CA LEU A 146 4.88 2.43 -10.92
C LEU A 146 4.09 3.58 -10.29
N GLU A 147 4.34 4.80 -10.75
CA GLU A 147 3.56 5.95 -10.31
C GLU A 147 2.23 5.89 -11.05
N VAL A 148 1.13 5.95 -10.29
CA VAL A 148 -0.22 5.87 -10.89
C VAL A 148 -1.06 7.07 -10.49
N PRO A 149 -1.55 7.85 -11.49
CA PRO A 149 -2.50 8.92 -11.20
C PRO A 149 -3.74 8.43 -10.44
N TYR A 150 -4.18 9.19 -9.47
CA TYR A 150 -5.50 8.95 -8.91
C TYR A 150 -6.48 9.28 -10.02
N VAL A 151 -7.53 8.49 -10.12
CA VAL A 151 -8.58 8.65 -11.15
C VAL A 151 -9.86 9.16 -10.51
N ASP A 152 -10.47 10.15 -11.16
CA ASP A 152 -11.78 10.70 -10.76
C ASP A 152 -12.78 9.59 -10.56
N ARG A 153 -13.52 9.66 -9.47
CA ARG A 153 -14.47 8.60 -9.12
C ARG A 153 -15.58 8.35 -10.17
N ASN A 154 -16.10 9.44 -10.74
CA ASN A 154 -17.11 9.33 -11.81
C ASN A 154 -16.53 8.64 -13.05
N SER A 155 -15.33 9.06 -13.46
CA SER A 155 -14.71 8.43 -14.63
C SER A 155 -14.52 6.96 -14.37
N CYS A 156 -14.13 6.62 -13.15
CA CYS A 156 -13.89 5.22 -12.88
C CYS A 156 -15.13 4.36 -12.97
N LYS A 157 -16.23 4.85 -12.43
CA LYS A 157 -17.46 4.08 -12.51
C LYS A 157 -17.91 3.91 -13.93
N LEU A 158 -17.76 4.96 -14.73
CA LEU A 158 -18.12 4.91 -16.15
C LEU A 158 -17.26 3.91 -16.93
N SER A 159 -16.01 3.76 -16.55
CA SER A 159 -15.08 2.87 -17.24
C SER A 159 -15.31 1.40 -16.97
N SER A 160 -16.00 1.11 -15.87
CA SER A 160 -15.99 -0.24 -15.34
C SER A 160 -17.21 -1.04 -15.72
N SER A 161 -16.97 -2.31 -16.04
CA SER A 161 -18.04 -3.25 -16.36
C SER A 161 -18.53 -3.89 -15.09
N PHE A 162 -17.81 -3.64 -13.99
CA PHE A 162 -18.21 -4.15 -12.69
C PHE A 162 -18.41 -3.01 -11.67
N ILE A 163 -19.25 -3.26 -10.67
CA ILE A 163 -19.55 -2.20 -9.71
C ILE A 163 -18.30 -1.77 -8.94
N ILE A 164 -18.10 -0.46 -8.86
CA ILE A 164 -17.07 0.14 -8.01
C ILE A 164 -17.75 0.61 -6.72
N THR A 165 -17.52 -0.12 -5.62
CA THR A 165 -18.13 0.27 -4.35
C THR A 165 -17.34 1.40 -3.66
N GLN A 166 -17.88 1.91 -2.57
CA GLN A 166 -17.17 2.95 -1.85
C GLN A 166 -15.91 2.43 -1.15
N ASN A 167 -15.70 1.10 -1.15
CA ASN A 167 -14.48 0.54 -0.53
C ASN A 167 -13.36 0.40 -1.55
N MET A 168 -13.58 0.99 -2.73
CA MET A 168 -12.65 0.85 -3.83
C MET A 168 -12.35 2.23 -4.37
N PHE A 169 -11.18 2.37 -4.98
CA PHE A 169 -10.86 3.56 -5.79
C PHE A 169 -10.03 3.12 -7.00
N CYS A 170 -9.85 4.02 -7.95
CA CYS A 170 -9.25 3.69 -9.24
C CYS A 170 -7.99 4.50 -9.38
N ALA A 171 -6.95 3.91 -9.98
CA ALA A 171 -5.72 4.62 -10.23
C ALA A 171 -5.10 4.08 -11.50
N GLY A 172 -4.36 4.92 -12.20
CA GLY A 172 -3.65 4.46 -13.36
C GLY A 172 -3.93 5.35 -14.55
N TYR A 173 -3.95 4.72 -15.71
CA TYR A 173 -3.99 5.47 -16.99
C TYR A 173 -5.12 4.99 -17.89
N ASP A 174 -5.68 5.92 -18.64
CA ASP A 174 -6.78 5.59 -19.56
C ASP A 174 -6.20 4.70 -20.65
N THR A 175 -5.18 5.18 -21.36
CA THR A 175 -4.61 4.45 -22.50
C THR A 175 -3.12 4.09 -22.38
N LYS A 176 -2.36 4.89 -21.63
CA LYS A 176 -0.95 4.58 -21.46
C LYS A 176 -0.80 3.16 -20.93
N GLN A 177 0.17 2.43 -21.46
CA GLN A 177 0.32 1.01 -21.19
C GLN A 177 1.14 0.77 -19.90
N GLU A 178 0.56 1.20 -18.78
CA GLU A 178 1.17 1.02 -17.44
C GLU A 178 0.07 0.79 -16.44
N ASP A 179 0.26 -0.18 -15.56
CA ASP A 179 -0.77 -0.59 -14.58
C ASP A 179 -0.09 -1.59 -13.65
N ALA A 180 -0.78 -1.95 -12.58
CA ALA A 180 -0.43 -3.14 -11.87
C ALA A 180 -1.06 -4.27 -12.65
N CYS A 181 -0.83 -5.48 -12.17
CA CYS A 181 -1.36 -6.66 -12.82
C CYS A 181 -1.48 -7.83 -11.83
N GLN A 182 -1.95 -8.95 -12.34
CA GLN A 182 -2.15 -10.13 -11.53
C GLN A 182 -0.86 -10.51 -10.82
N GLY A 183 -0.92 -10.87 -9.52
CA GLY A 183 0.30 -11.14 -8.76
C GLY A 183 0.79 -9.91 -7.97
N ASP A 184 0.46 -8.70 -8.43
CA ASP A 184 0.65 -7.48 -7.62
C ASP A 184 -0.43 -7.39 -6.55
N SER A 185 -1.51 -8.13 -6.79
CA SER A 185 -2.67 -8.31 -5.90
C SER A 185 -2.29 -8.43 -4.43
N GLY A 186 -2.94 -7.63 -3.58
CA GLY A 186 -2.64 -7.65 -2.16
C GLY A 186 -1.55 -6.68 -1.76
N GLY A 187 -0.83 -6.15 -2.73
CA GLY A 187 0.36 -5.38 -2.47
C GLY A 187 0.10 -3.90 -2.23
N PRO A 188 1.16 -3.11 -2.00
CA PRO A 188 1.07 -1.72 -1.59
C PRO A 188 0.66 -0.72 -2.67
N HIS A 189 -0.27 0.16 -2.33
CA HIS A 189 -0.44 1.43 -3.03
C HIS A 189 -0.16 2.46 -1.92
N VAL A 190 0.90 3.23 -2.09
CA VAL A 190 1.28 4.21 -1.09
C VAL A 190 1.30 5.60 -1.74
N THR A 191 1.17 6.67 -0.92
CA THR A 191 1.19 8.04 -1.44
C THR A 191 2.24 8.77 -0.66
N ARG A 192 3.12 9.45 -1.38
CA ARG A 192 4.22 10.17 -0.77
C ARG A 192 3.72 11.52 -0.35
N PHE A 193 4.05 11.93 0.87
CA PHE A 193 3.77 13.32 1.29
C PHE A 193 5.03 13.83 2.02
N LYS A 194 5.65 14.87 1.49
CA LYS A 194 6.94 15.33 2.08
C LYS A 194 7.93 14.21 2.43
N ASP A 195 8.25 13.37 1.47
CA ASP A 195 9.23 12.26 1.71
C ASP A 195 8.88 11.22 2.78
N THR A 196 7.60 11.15 3.16
CA THR A 196 7.09 10.08 4.00
C THR A 196 5.98 9.37 3.20
N TYR A 197 6.01 8.03 3.22
CA TYR A 197 5.08 7.22 2.41
C TYR A 197 4.02 6.61 3.31
N PHE A 198 2.76 6.90 2.97
CA PHE A 198 1.58 6.40 3.69
C PHE A 198 0.81 5.36 2.89
N VAL A 199 0.39 4.29 3.54
CA VAL A 199 -0.37 3.32 2.80
C VAL A 199 -1.79 3.88 2.49
N THR A 200 -2.18 3.81 1.21
CA THR A 200 -3.44 4.37 0.77
C THR A 200 -4.33 3.36 0.06
N GLY A 201 -3.76 2.27 -0.41
CA GLY A 201 -4.57 1.28 -1.13
C GLY A 201 -3.99 -0.10 -1.06
N ILE A 202 -4.83 -1.09 -1.40
CA ILE A 202 -4.38 -2.48 -1.56
C ILE A 202 -4.69 -2.88 -3.00
N VAL A 203 -3.71 -3.38 -3.75
CA VAL A 203 -3.98 -3.81 -5.12
C VAL A 203 -5.10 -4.87 -5.08
N SER A 204 -6.16 -4.66 -5.84
CA SER A 204 -7.33 -5.53 -5.73
C SER A 204 -7.66 -6.28 -7.02
N TRP A 205 -7.98 -5.56 -8.10
CA TRP A 205 -8.36 -6.23 -9.35
C TRP A 205 -8.37 -5.21 -10.48
N GLY A 206 -8.53 -5.70 -11.70
CA GLY A 206 -8.62 -4.83 -12.88
C GLY A 206 -9.19 -5.75 -13.98
N GLU A 207 -9.73 -5.14 -15.04
CA GLU A 207 -10.21 -5.87 -16.22
C GLU A 207 -9.00 -6.03 -17.17
N GLY A 208 -8.37 -7.17 -17.09
CA GLY A 208 -7.03 -7.30 -17.68
C GLY A 208 -6.01 -6.45 -16.92
N CYS A 209 -5.01 -5.94 -17.64
CA CYS A 209 -4.00 -5.05 -17.06
C CYS A 209 -3.66 -4.10 -18.16
N ALA A 210 -3.68 -2.81 -17.83
CA ALA A 210 -3.25 -1.77 -18.74
C ALA A 210 -4.10 -1.65 -20.01
N ARG A 211 -5.35 -2.12 -19.94
CA ARG A 211 -6.28 -2.03 -21.06
C ARG A 211 -6.80 -0.62 -21.26
N LYS A 212 -6.99 -0.25 -22.53
CA LYS A 212 -7.49 1.07 -22.87
C LYS A 212 -8.86 1.25 -22.28
N GLY A 213 -9.10 2.44 -21.72
CA GLY A 213 -10.36 2.80 -21.10
C GLY A 213 -10.60 2.12 -19.75
N LYS A 214 -9.59 1.39 -19.26
CA LYS A 214 -9.70 0.67 -17.97
C LYS A 214 -8.59 1.08 -16.98
N TYR A 215 -8.92 1.03 -15.68
CA TYR A 215 -8.02 1.46 -14.61
C TYR A 215 -7.74 0.32 -13.62
N GLY A 216 -6.73 0.49 -12.77
CA GLY A 216 -6.48 -0.49 -11.70
C GLY A 216 -7.41 -0.15 -10.55
N ILE A 217 -7.94 -1.17 -9.89
CA ILE A 217 -8.93 -1.03 -8.82
C ILE A 217 -8.25 -1.47 -7.53
N TYR A 218 -8.30 -0.57 -6.56
CA TYR A 218 -7.62 -0.71 -5.27
C TYR A 218 -8.59 -0.68 -4.13
N THR A 219 -8.36 -1.49 -3.09
CA THR A 219 -9.11 -1.33 -1.86
C THR A 219 -8.77 0.02 -1.20
N LYS A 220 -9.79 0.77 -0.80
CA LYS A 220 -9.62 2.08 -0.22
C LYS A 220 -9.27 1.94 1.26
N VAL A 221 -7.98 2.06 1.55
CA VAL A 221 -7.52 1.76 2.91
C VAL A 221 -8.15 2.71 3.94
N THR A 222 -8.45 3.94 3.55
CA THR A 222 -9.02 4.88 4.51
C THR A 222 -10.39 4.38 5.00
N ALA A 223 -11.12 3.59 4.20
CA ALA A 223 -12.43 3.02 4.64
C ALA A 223 -12.25 1.99 5.76
N PHE A 224 -11.00 1.57 6.01
CA PHE A 224 -10.72 0.47 6.93
C PHE A 224 -9.69 0.77 8.02
N LEU A 225 -9.38 2.04 8.25
CA LEU A 225 -8.35 2.37 9.22
C LEU A 225 -8.75 1.94 10.63
N LYS A 226 -10.02 2.15 10.99
CA LYS A 226 -10.46 1.65 12.31
C LYS A 226 -10.36 0.12 12.43
N TRP A 227 -10.83 -0.59 11.41
CA TRP A 227 -10.81 -2.04 11.33
C TRP A 227 -9.35 -2.53 11.40
N ILE A 228 -8.48 -1.85 10.66
CA ILE A 228 -7.05 -2.23 10.71
C ILE A 228 -6.50 -2.05 12.14
N ASP A 229 -6.77 -0.91 12.71
CA ASP A 229 -6.35 -0.66 14.09
C ASP A 229 -6.82 -1.74 15.08
N ARG A 230 -8.11 -2.09 15.00
CA ARG A 230 -8.68 -3.17 15.80
C ARG A 230 -7.98 -4.47 15.58
N SER A 231 -7.75 -4.81 14.32
CA SER A 231 -7.11 -6.06 13.96
C SER A 231 -5.69 -6.15 14.53
N MET A 232 -4.98 -5.03 14.62
CA MET A 232 -3.59 -5.10 15.09
C MET A 232 -3.56 -5.05 16.62
N LYS A 233 -4.76 -4.90 17.20
CA LYS A 233 -5.00 -4.51 18.61
C LYS A 233 -4.62 -3.08 18.92
N THR B 1 -11.43 30.20 -0.83
CA THR B 1 -10.00 30.60 -0.58
C THR B 1 -9.37 29.69 0.47
N ARG B 2 -8.17 29.18 0.15
CA ARG B 2 -7.55 28.16 0.96
C ARG B 2 -7.06 28.78 2.26
N LYS B 3 -7.52 28.20 3.37
CA LYS B 3 -7.14 28.62 4.71
C LYS B 3 -6.74 27.41 5.53
N LEU B 4 -5.97 27.65 6.59
CA LEU B 4 -5.64 26.63 7.58
C LEU B 4 -5.11 25.38 6.89
N CYS B 5 -5.67 24.21 7.18
CA CYS B 5 -5.11 22.98 6.66
C CYS B 5 -5.16 22.92 5.14
N SER B 6 -5.97 23.75 4.51
CA SER B 6 -6.05 23.65 3.04
C SER B 6 -5.01 24.51 2.42
N LEU B 7 -4.33 25.31 3.24
CA LEU B 7 -3.21 26.10 2.73
C LEU B 7 -1.89 25.43 3.12
N ASP B 8 -1.31 24.74 2.14
CA ASP B 8 -0.04 24.02 2.29
C ASP B 8 -0.01 23.14 3.51
N ASN B 9 -1.11 22.42 3.75
CA ASN B 9 -1.22 21.47 4.87
C ASN B 9 -1.02 22.13 6.25
N GLY B 10 -1.30 23.42 6.34
CA GLY B 10 -1.10 24.16 7.59
C GLY B 10 0.36 24.24 8.04
N ASP B 11 1.28 24.00 7.12
CA ASP B 11 2.74 23.99 7.42
C ASP B 11 3.13 22.75 8.23
N CYS B 12 2.18 21.80 8.43
CA CYS B 12 2.46 20.56 9.19
C CYS B 12 3.30 19.58 8.32
N ASP B 13 4.19 18.81 8.96
CA ASP B 13 4.93 17.73 8.26
C ASP B 13 3.98 16.62 7.85
N GLN B 14 3.02 16.32 8.71
CA GLN B 14 2.13 15.17 8.47
C GLN B 14 0.65 15.57 8.63
N PHE B 15 0.00 15.06 9.67
CA PHE B 15 -1.44 15.21 9.79
C PHE B 15 -1.71 16.65 10.17
N CYS B 16 -2.74 17.22 9.54
CA CYS B 16 -3.28 18.52 9.89
C CYS B 16 -4.79 18.38 10.21
N HIS B 17 -5.20 18.93 11.36
CA HIS B 17 -6.63 19.11 11.72
C HIS B 17 -6.89 20.55 12.12
N GLU B 18 -8.13 20.99 11.91
CA GLU B 18 -8.54 22.35 12.23
C GLU B 18 -9.42 22.26 13.46
N GLU B 19 -9.00 22.95 14.52
CA GLU B 19 -9.65 22.97 15.83
C GLU B 19 -9.80 24.41 16.26
N GLN B 20 -10.95 24.74 16.84
CA GLN B 20 -11.40 26.14 16.88
C GLN B 20 -11.16 26.58 15.45
N ASN B 21 -10.66 27.79 15.24
CA ASN B 21 -10.33 28.21 13.88
C ASN B 21 -8.81 28.18 13.64
N SER B 22 -8.17 27.07 14.04
CA SER B 22 -6.71 27.01 14.06
C SER B 22 -6.15 25.65 13.63
N VAL B 23 -4.90 25.67 13.16
CA VAL B 23 -4.22 24.45 12.69
C VAL B 23 -3.67 23.73 13.88
N VAL B 24 -3.91 22.43 13.95
CA VAL B 24 -3.22 21.54 14.89
C VAL B 24 -2.53 20.38 14.13
N CYS B 25 -1.20 20.32 14.20
CA CYS B 25 -0.44 19.26 13.52
C CYS B 25 -0.26 18.04 14.42
N SER B 26 -0.07 16.86 13.83
CA SER B 26 0.28 15.69 14.62
C SER B 26 0.98 14.73 13.66
N CYS B 27 1.45 13.62 14.18
CA CYS B 27 2.37 12.74 13.45
C CYS B 27 1.96 11.26 13.58
N ALA B 28 2.43 10.45 12.63
CA ALA B 28 2.17 9.02 12.65
C ALA B 28 2.88 8.36 13.82
N ARG B 29 2.45 7.15 14.13
CA ARG B 29 3.11 6.39 15.18
C ARG B 29 4.60 6.23 14.90
N GLY B 30 5.42 6.47 15.92
CA GLY B 30 6.86 6.28 15.79
C GLY B 30 7.53 7.61 15.53
N TYR B 31 6.74 8.68 15.53
CA TYR B 31 7.23 10.03 15.38
C TYR B 31 6.73 10.85 16.55
N THR B 32 7.47 11.91 16.87
CA THR B 32 7.16 12.90 17.88
C THR B 32 7.03 14.26 17.22
N LEU B 33 5.98 15.00 17.60
CA LEU B 33 5.83 16.39 17.14
C LEU B 33 6.93 17.28 17.75
N ALA B 34 7.62 18.02 16.90
CA ALA B 34 8.74 18.84 17.30
C ALA B 34 8.27 20.03 18.13
N ASP B 35 9.24 20.69 18.74
CA ASP B 35 9.00 21.86 19.60
C ASP B 35 8.25 22.97 18.89
N ASN B 36 8.43 23.08 17.57
CA ASN B 36 7.67 24.05 16.81
C ASN B 36 6.21 23.63 16.56
N GLY B 37 5.80 22.45 17.04
CA GLY B 37 4.42 22.00 16.82
C GLY B 37 4.03 21.72 15.37
N LYS B 38 5.01 21.53 14.49
CA LYS B 38 4.73 21.32 13.06
C LYS B 38 5.53 20.16 12.50
N ALA B 39 6.84 20.12 12.74
CA ALA B 39 7.66 19.00 12.21
C ALA B 39 7.46 17.69 12.97
N CYS B 40 7.73 16.56 12.30
CA CYS B 40 7.62 15.26 12.92
C CYS B 40 9.02 14.65 12.96
N ILE B 41 9.46 14.24 14.15
CA ILE B 41 10.80 13.68 14.36
C ILE B 41 10.72 12.20 14.67
N PRO B 42 11.46 11.36 13.92
CA PRO B 42 11.38 9.91 14.15
C PRO B 42 11.90 9.58 15.54
N THR B 43 11.18 8.75 16.30
CA THR B 43 11.58 8.42 17.67
C THR B 43 12.70 7.37 17.75
N GLY B 44 12.68 6.39 16.86
CA GLY B 44 13.68 5.33 16.92
C GLY B 44 14.12 5.00 15.52
N PRO B 45 14.86 3.89 15.35
CA PRO B 45 15.31 3.49 14.02
C PRO B 45 14.15 2.94 13.19
N TYR B 46 14.32 2.99 11.87
CA TYR B 46 13.34 2.54 10.87
C TYR B 46 11.91 3.10 11.10
N PRO B 47 11.77 4.44 11.14
CA PRO B 47 10.45 5.06 11.35
C PRO B 47 9.62 4.74 10.13
N CYS B 48 8.29 4.67 10.27
CA CYS B 48 7.47 4.27 9.14
C CYS B 48 7.62 5.24 7.97
N GLY B 49 7.48 4.71 6.76
CA GLY B 49 7.27 5.58 5.60
C GLY B 49 8.53 6.16 5.06
N LYS B 50 9.68 5.74 5.57
CA LYS B 50 10.95 6.21 5.03
C LYS B 50 11.66 5.14 4.17
N GLN B 51 12.07 5.53 2.97
CA GLN B 51 12.87 4.63 2.12
C GLN B 51 14.19 4.36 2.86
N THR B 52 14.71 3.14 2.78
CA THR B 52 15.91 2.79 3.61
C THR B 52 17.24 3.20 2.95
N LEU B 53 18.16 3.74 3.76
CA LEU B 53 19.50 4.07 3.27
C LEU B 53 20.60 3.36 4.06
N GLU B 54 20.22 2.65 5.12
CA GLU B 54 21.14 1.80 5.89
C GLU B 54 20.40 0.58 6.47
#